data_4DOU
#
_entry.id   4DOU
#
_cell.length_a   48.310
_cell.length_b   49.630
_cell.length_c   50.460
_cell.angle_alpha   117.23
_cell.angle_beta   101.68
_cell.angle_gamma   105.31
#
_symmetry.space_group_name_H-M   'P 1'
#
loop_
_entity.id
_entity.type
_entity.pdbx_description
1 polymer Adiponectin
2 non-polymer 'CALCIUM ION'
3 non-polymer 'SODIUM ION'
4 non-polymer GLYCEROL
5 non-polymer 1,2-ETHANEDIOL
6 water water
#
_entity_poly.entity_id   1
_entity_poly.type   'polypeptide(L)'
_entity_poly.pdbx_seq_one_letter_code
;HHHHHHHHENLYFQGASPGEGAYVYRSAFSVGLETYVTIPNMPIRFTKIFYNQQNHYDGSTGKFHCNIPGLYYFAYHITV
YMKDVKVSLFKKDKAMLFTYDQYQENNVDQASGSVLLHLEVGDQVWLQVYGEGERNGLYADNDNDSTFTGFLLYHDTNPG
EGAYVYRSAFSVGLETYVTIPNMPIRFTKIFYNQQNHYDGSTGKFHCNIPGLYYFAYHITVYMKDVKVSLFKKDKAMLFT
YDQYQENNVDQASGSVLLHLEVGDQVWLQVYGEGERNGLYADNDNDSTFTGFLLYHDTNPGEGAYVYRSAFSVGLETYVT
IPNMPIRFTKIFYNQQNHYDGSTGKFHCNIPGLYYFAYHITVYMKDVKVSLFKKDKAMLFTYDQYQENNVDQASGSVLLH
LEVGDQVWLQVYGEGERNGLYADNDNDSTFTGFLLYHDTNGS
;
_entity_poly.pdbx_strand_id   A
#
# COMPACT_ATOMS: atom_id res chain seq x y z
N ALA A 22 -19.96 -5.07 -20.99
CA ALA A 22 -18.91 -4.03 -20.87
C ALA A 22 -17.52 -4.65 -20.82
N TYR A 23 -16.68 -4.31 -21.79
CA TYR A 23 -15.30 -4.78 -21.81
C TYR A 23 -14.52 -4.30 -20.59
N VAL A 24 -13.72 -5.18 -20.01
CA VAL A 24 -12.90 -4.79 -18.86
C VAL A 24 -11.45 -4.68 -19.28
N TYR A 25 -10.86 -3.50 -19.06
CA TYR A 25 -9.45 -3.26 -19.37
C TYR A 25 -8.57 -3.71 -18.22
N ARG A 26 -7.84 -4.81 -18.43
CA ARG A 26 -6.99 -5.37 -17.40
C ARG A 26 -5.52 -5.31 -17.80
N SER A 27 -4.69 -4.88 -16.87
CA SER A 27 -3.25 -5.02 -17.02
C SER A 27 -2.68 -4.84 -15.63
N ALA A 28 -2.13 -5.92 -15.07
CA ALA A 28 -1.73 -5.91 -13.66
C ALA A 28 -0.74 -7.03 -13.41
N PHE A 29 0.09 -6.85 -12.39
CA PHE A 29 1.06 -7.85 -12.02
C PHE A 29 1.34 -7.70 -10.53
N SER A 30 1.73 -8.80 -9.90
CA SER A 30 2.13 -8.80 -8.50
C SER A 30 3.18 -9.89 -8.34
N VAL A 31 4.42 -9.54 -8.00
CA VAL A 31 5.53 -10.50 -7.95
C VAL A 31 6.40 -10.34 -6.71
N GLY A 32 7.23 -11.33 -6.40
CA GLY A 32 8.07 -11.24 -5.20
C GLY A 32 9.47 -11.77 -5.44
N LEU A 33 10.42 -11.39 -4.60
CA LEU A 33 11.76 -11.94 -4.67
C LEU A 33 11.73 -13.37 -4.19
N GLU A 34 12.62 -14.20 -4.74
CA GLU A 34 12.79 -15.56 -4.27
C GLU A 34 14.24 -15.67 -3.86
N THR A 35 15.00 -14.66 -4.27
CA THR A 35 16.40 -14.55 -3.97
C THR A 35 16.66 -13.06 -3.73
N TYR A 36 17.55 -12.75 -2.80
CA TYR A 36 18.03 -11.39 -2.65
C TYR A 36 19.30 -11.23 -3.47
N VAL A 37 19.31 -10.24 -4.36
CA VAL A 37 20.43 -10.03 -5.27
C VAL A 37 20.77 -8.56 -5.52
N THR A 38 22.04 -8.30 -5.74
CA THR A 38 22.52 -6.98 -6.15
C THR A 38 22.16 -6.73 -7.61
N MET A 42 20.98 -2.23 -11.80
CA MET A 42 20.25 -3.29 -12.49
C MET A 42 18.82 -3.42 -11.96
N PRO A 43 17.87 -3.67 -12.86
CA PRO A 43 16.50 -3.91 -12.46
C PRO A 43 16.43 -5.12 -11.54
N ILE A 44 15.61 -5.02 -10.50
CA ILE A 44 15.40 -6.14 -9.59
C ILE A 44 14.44 -7.14 -10.23
N ARG A 45 14.94 -8.36 -10.46
CA ARG A 45 14.16 -9.43 -11.08
C ARG A 45 13.30 -10.19 -10.08
N PHE A 46 12.03 -9.79 -9.96
CA PHE A 46 11.10 -10.55 -9.16
C PHE A 46 10.71 -11.80 -9.96
N THR A 47 10.68 -12.97 -9.31
CA THR A 47 10.40 -14.20 -10.03
C THR A 47 9.31 -15.04 -9.39
N LYS A 48 8.74 -14.54 -8.29
CA LYS A 48 7.61 -15.22 -7.66
C LYS A 48 6.34 -14.60 -8.18
N ILE A 49 5.57 -15.35 -8.94
CA ILE A 49 4.42 -14.78 -9.61
C ILE A 49 3.13 -14.95 -8.80
N PHE A 50 2.70 -13.88 -8.14
CA PHE A 50 1.38 -13.88 -7.52
C PHE A 50 0.29 -13.73 -8.58
N TYR A 51 0.50 -12.79 -9.49
CA TYR A 51 -0.41 -12.54 -10.61
C TYR A 51 0.36 -11.93 -11.78
N ASN A 52 0.07 -12.40 -12.98
CA ASN A 52 0.68 -11.83 -14.18
C ASN A 52 -0.05 -12.36 -15.41
N GLN A 53 -1.38 -12.35 -15.33
CA GLN A 53 -2.24 -13.01 -16.30
C GLN A 53 -2.19 -12.42 -17.70
N GLN A 54 -1.92 -11.11 -17.79
CA GLN A 54 -1.77 -10.48 -19.10
C GLN A 54 -0.34 -10.67 -19.59
N ASN A 55 0.54 -11.12 -18.71
CA ASN A 55 1.92 -11.35 -19.10
C ASN A 55 2.60 -10.05 -19.49
N HIS A 56 2.21 -8.97 -18.82
CA HIS A 56 2.70 -7.63 -19.10
C HIS A 56 3.91 -7.31 -18.24
N TYR A 57 4.14 -8.14 -17.23
CA TYR A 57 5.39 -8.12 -16.50
C TYR A 57 6.32 -9.18 -17.07
N ASP A 58 7.55 -8.79 -17.36
CA ASP A 58 8.51 -9.67 -18.01
C ASP A 58 9.48 -10.16 -16.96
N GLY A 59 9.42 -11.46 -16.67
CA GLY A 59 10.15 -12.03 -15.55
C GLY A 59 11.65 -12.07 -15.75
N SER A 60 12.09 -12.18 -17.01
CA SER A 60 13.51 -12.29 -17.31
CA SER A 60 13.51 -12.29 -17.31
C SER A 60 14.22 -10.95 -17.24
N THR A 61 13.45 -9.87 -17.10
CA THR A 61 14.06 -8.54 -17.05
C THR A 61 13.62 -7.77 -15.81
N GLY A 62 12.50 -8.18 -15.24
CA GLY A 62 11.95 -7.52 -14.06
C GLY A 62 11.21 -6.25 -14.42
N LYS A 63 10.96 -6.05 -15.71
CA LYS A 63 10.27 -4.84 -16.17
C LYS A 63 8.81 -5.06 -16.48
N PHE A 64 7.97 -4.11 -16.09
CA PHE A 64 6.59 -4.06 -16.53
C PHE A 64 6.48 -3.26 -17.83
N HIS A 65 5.78 -3.81 -18.82
CA HIS A 65 5.54 -3.16 -20.10
C HIS A 65 4.11 -2.63 -20.19
N CYS A 66 3.96 -1.34 -20.44
CA CYS A 66 2.63 -0.76 -20.69
C CYS A 66 2.10 -1.17 -22.07
N ASN A 67 0.96 -1.83 -22.10
CA ASN A 67 0.27 -2.15 -23.34
C ASN A 67 -1.03 -1.35 -23.51
N ILE A 68 -1.45 -0.71 -22.43
CA ILE A 68 -2.69 0.07 -22.43
C ILE A 68 -2.45 1.43 -21.78
N PRO A 69 -2.57 2.52 -22.54
CA PRO A 69 -2.25 3.78 -21.87
C PRO A 69 -3.25 4.06 -20.76
N GLY A 70 -2.82 4.77 -19.73
CA GLY A 70 -3.69 5.08 -18.61
C GLY A 70 -2.97 5.45 -17.34
N LEU A 71 -3.73 5.54 -16.25
CA LEU A 71 -3.22 5.84 -14.93
C LEU A 71 -2.99 4.53 -14.21
N TYR A 72 -1.75 4.31 -13.79
CA TYR A 72 -1.30 3.08 -13.13
C TYR A 72 -0.85 3.32 -11.70
N TYR A 73 -1.24 2.41 -10.80
CA TYR A 73 -0.82 2.47 -9.41
C TYR A 73 0.28 1.44 -9.23
N PHE A 74 1.39 1.81 -8.59
CA PHE A 74 2.46 0.86 -8.30
C PHE A 74 2.75 0.89 -6.79
N ALA A 75 3.10 -0.24 -6.22
CA ALA A 75 3.38 -0.34 -4.79
C ALA A 75 4.44 -1.42 -4.60
N TYR A 76 5.31 -1.23 -3.63
CA TYR A 76 6.29 -2.25 -3.28
C TYR A 76 6.51 -2.31 -1.78
N HIS A 77 7.00 -3.45 -1.30
CA HIS A 77 7.18 -3.69 0.12
C HIS A 77 8.40 -4.57 0.26
N ILE A 78 9.39 -4.09 1.00
CA ILE A 78 10.69 -4.77 1.05
CA ILE A 78 10.67 -4.78 1.04
C ILE A 78 11.12 -5.15 2.46
N THR A 79 11.57 -6.39 2.61
CA THR A 79 12.13 -6.83 3.87
C THR A 79 13.59 -6.36 3.95
N VAL A 80 13.86 -5.53 4.96
CA VAL A 80 15.17 -4.93 5.18
C VAL A 80 15.98 -5.74 6.18
N TYR A 81 17.08 -6.34 5.73
CA TYR A 81 17.90 -7.21 6.58
C TYR A 81 19.38 -7.18 6.18
N MET A 82 20.26 -7.05 7.19
CA MET A 82 21.72 -7.20 7.01
C MET A 82 22.47 -5.93 6.55
N LYS A 83 21.80 -5.12 5.74
CA LYS A 83 22.41 -3.96 5.13
C LYS A 83 21.27 -3.01 4.80
N ASP A 84 21.52 -1.69 4.82
CA ASP A 84 20.52 -0.70 4.41
C ASP A 84 19.95 -1.07 3.05
N VAL A 85 18.70 -0.67 2.79
CA VAL A 85 18.16 -0.68 1.43
C VAL A 85 17.74 0.69 0.91
N LYS A 86 18.13 0.99 -0.32
CA LYS A 86 17.57 2.12 -1.02
C LYS A 86 17.22 1.67 -2.44
N VAL A 87 15.96 1.87 -2.80
CA VAL A 87 15.52 1.49 -4.12
C VAL A 87 14.88 2.70 -4.79
N SER A 88 14.82 2.66 -6.11
CA SER A 88 14.15 3.68 -6.87
C SER A 88 13.21 3.02 -7.86
N LEU A 89 12.04 3.61 -8.04
CA LEU A 89 11.07 3.17 -9.02
C LEU A 89 11.35 3.92 -10.33
N PHE A 90 11.61 3.18 -11.40
CA PHE A 90 11.96 3.81 -12.68
C PHE A 90 10.77 3.75 -13.65
N LYS A 91 10.58 4.85 -14.39
CA LYS A 91 9.65 4.88 -15.51
C LYS A 91 10.46 5.28 -16.74
N LYS A 92 10.52 4.38 -17.70
CA LYS A 92 11.38 4.55 -18.89
C LYS A 92 12.71 5.23 -18.57
N ASP A 93 13.46 4.65 -17.65
CA ASP A 93 14.86 5.03 -17.40
C ASP A 93 15.08 6.30 -16.59
N LYS A 94 14.01 6.89 -16.08
CA LYS A 94 14.14 8.01 -15.14
C LYS A 94 13.66 7.60 -13.76
N ALA A 95 14.42 7.95 -12.73
CA ALA A 95 14.03 7.66 -11.35
C ALA A 95 12.88 8.56 -10.93
N MET A 96 11.75 7.97 -10.58
CA MET A 96 10.56 8.71 -10.22
C MET A 96 10.39 8.82 -8.71
N LEU A 97 10.73 7.73 -8.02
CA LEU A 97 10.39 7.59 -6.61
C LEU A 97 11.51 6.90 -5.85
N PHE A 98 11.82 7.40 -4.65
CA PHE A 98 12.93 6.87 -3.86
C PHE A 98 12.45 6.46 -2.47
N THR A 99 12.99 5.35 -1.97
CA THR A 99 12.61 4.83 -0.66
C THR A 99 13.85 4.31 0.05
N TYR A 100 14.17 4.89 1.22
CA TYR A 100 15.38 4.56 1.96
C TYR A 100 15.00 4.08 3.37
N ASP A 101 15.61 2.97 3.78
CA ASP A 101 15.38 2.39 5.09
C ASP A 101 16.71 1.83 5.60
N GLN A 102 17.19 2.39 6.71
CA GLN A 102 18.47 1.96 7.28
C GLN A 102 18.26 0.70 8.11
N TYR A 103 19.27 -0.17 8.15
CA TYR A 103 19.23 -1.39 8.92
C TYR A 103 20.15 -1.29 10.14
N GLN A 104 19.64 -1.72 11.29
CA GLN A 104 20.46 -1.86 12.49
C GLN A 104 20.56 -3.34 12.84
N GLU A 105 21.71 -3.75 13.36
CA GLU A 105 21.92 -5.14 13.73
C GLU A 105 20.84 -5.65 14.67
N ASN A 106 20.18 -6.74 14.28
CA ASN A 106 19.16 -7.36 15.11
C ASN A 106 17.85 -6.62 15.04
N ASN A 107 17.63 -5.94 13.92
CA ASN A 107 16.44 -5.13 13.76
C ASN A 107 15.87 -5.11 12.33
N VAL A 108 15.33 -6.24 11.90
CA VAL A 108 14.69 -6.33 10.60
C VAL A 108 13.61 -5.26 10.45
N ASP A 109 13.63 -4.59 9.29
CA ASP A 109 12.68 -3.52 8.99
C ASP A 109 11.78 -3.79 7.79
N GLN A 110 10.78 -2.94 7.62
CA GLN A 110 9.88 -3.04 6.49
C GLN A 110 9.77 -1.70 5.81
N ALA A 111 10.15 -1.67 4.53
CA ALA A 111 10.10 -0.44 3.75
C ALA A 111 9.12 -0.61 2.60
N SER A 112 8.36 0.44 2.31
CA SER A 112 7.39 0.40 1.23
C SER A 112 7.27 1.76 0.55
N GLY A 113 6.65 1.77 -0.62
CA GLY A 113 6.36 2.98 -1.34
C GLY A 113 5.24 2.74 -2.33
N SER A 114 4.49 3.79 -2.66
CA SER A 114 3.52 3.67 -3.74
C SER A 114 3.23 5.01 -4.40
N VAL A 115 2.76 4.97 -5.64
CA VAL A 115 2.57 6.18 -6.42
C VAL A 115 1.71 5.91 -7.64
N LEU A 116 0.99 6.94 -8.11
CA LEU A 116 0.33 6.86 -9.41
C LEU A 116 1.22 7.47 -10.48
N LEU A 117 1.27 6.81 -11.63
CA LEU A 117 1.98 7.32 -12.80
C LEU A 117 1.13 7.11 -14.05
N HIS A 118 0.97 8.13 -14.86
CA HIS A 118 0.35 7.94 -16.16
C HIS A 118 1.39 7.40 -17.13
N LEU A 119 1.01 6.36 -17.88
CA LEU A 119 1.91 5.67 -18.78
C LEU A 119 1.40 5.66 -20.22
N GLU A 120 2.33 5.68 -21.16
CA GLU A 120 2.00 5.54 -22.57
C GLU A 120 2.42 4.16 -23.04
N VAL A 121 1.73 3.64 -24.05
CA VAL A 121 2.08 2.35 -24.60
C VAL A 121 3.57 2.38 -24.93
N GLY A 122 4.32 1.44 -24.39
CA GLY A 122 5.76 1.43 -24.61
C GLY A 122 6.57 1.73 -23.36
N ASP A 123 6.03 2.57 -22.49
CA ASP A 123 6.73 2.90 -21.23
C ASP A 123 6.98 1.64 -20.43
N GLN A 124 8.17 1.53 -19.85
CA GLN A 124 8.45 0.42 -18.97
C GLN A 124 8.72 0.92 -17.58
N VAL A 125 8.30 0.13 -16.60
CA VAL A 125 8.46 0.51 -15.20
C VAL A 125 9.11 -0.63 -14.44
N TRP A 126 10.08 -0.29 -13.60
CA TRP A 126 10.75 -1.28 -12.76
C TRP A 126 11.36 -0.66 -11.49
N LEU A 127 12.02 -1.52 -10.72
CA LEU A 127 12.57 -1.15 -9.43
C LEU A 127 14.03 -1.56 -9.47
N GLN A 128 14.91 -0.72 -8.91
CA GLN A 128 16.29 -1.13 -8.71
C GLN A 128 16.90 -0.46 -7.47
N VAL A 129 18.00 -1.03 -6.99
CA VAL A 129 18.75 -0.42 -5.90
C VAL A 129 19.30 0.92 -6.36
N TYR A 130 19.04 1.98 -5.60
CA TYR A 130 19.47 3.31 -5.98
C TYR A 130 20.99 3.40 -5.94
N GLU A 134 26.97 -0.58 -1.10
CA GLU A 134 25.67 -0.27 -1.66
C GLU A 134 24.57 -0.59 -0.67
N ARG A 135 23.34 -0.18 -0.99
CA ARG A 135 22.23 -0.41 -0.09
C ARG A 135 21.30 -1.46 -0.66
N ASN A 136 21.80 -2.70 -0.71
CA ASN A 136 21.05 -3.80 -1.32
C ASN A 136 20.56 -4.80 -0.29
N GLY A 137 20.08 -4.31 0.86
CA GLY A 137 19.65 -5.17 1.96
C GLY A 137 18.29 -5.80 1.78
N LEU A 138 17.79 -5.85 0.54
CA LEU A 138 16.53 -6.54 0.27
C LEU A 138 16.64 -8.01 0.68
N TYR A 139 15.56 -8.55 1.20
CA TYR A 139 15.57 -9.94 1.64
C TYR A 139 14.28 -10.70 1.34
N ALA A 140 14.44 -11.96 0.95
CA ALA A 140 13.33 -12.88 0.75
C ALA A 140 13.85 -14.30 0.85
N ASP A 141 13.11 -15.14 1.55
CA ASP A 141 13.44 -16.56 1.58
C ASP A 141 12.16 -17.38 1.65
N ASN A 142 12.21 -18.54 2.30
CA ASN A 142 11.08 -19.45 2.32
C ASN A 142 9.90 -18.95 3.16
N ASP A 143 10.12 -17.95 4.00
CA ASP A 143 9.03 -17.36 4.80
C ASP A 143 9.21 -15.87 5.03
N ASN A 144 9.63 -15.17 3.98
CA ASN A 144 9.91 -13.75 4.02
C ASN A 144 9.76 -13.21 2.60
N ASP A 145 8.92 -12.20 2.41
CA ASP A 145 8.67 -11.67 1.09
C ASP A 145 9.08 -10.21 0.90
N SER A 146 9.50 -9.88 -0.32
CA SER A 146 9.63 -8.52 -0.77
C SER A 146 8.89 -8.50 -2.10
N THR A 147 7.95 -7.58 -2.25
CA THR A 147 7.02 -7.64 -3.36
C THR A 147 6.88 -6.31 -4.11
N PHE A 148 6.27 -6.39 -5.28
CA PHE A 148 6.22 -5.30 -6.25
C PHE A 148 4.96 -5.54 -7.05
N THR A 149 4.10 -4.53 -7.14
CA THR A 149 2.75 -4.71 -7.66
C THR A 149 2.34 -3.44 -8.40
N GLY A 150 1.58 -3.60 -9.46
CA GLY A 150 1.09 -2.44 -10.20
C GLY A 150 -0.12 -2.85 -10.99
N PHE A 151 -1.03 -1.91 -11.19
CA PHE A 151 -2.21 -2.17 -11.96
C PHE A 151 -2.71 -0.93 -12.65
N LEU A 152 -3.40 -1.15 -13.77
CA LEU A 152 -4.06 -0.08 -14.48
C LEU A 152 -5.32 0.28 -13.71
N LEU A 153 -5.37 1.56 -13.31
CA LEU A 153 -6.52 2.14 -12.60
C LEU A 153 -7.51 2.73 -13.61
N TYR A 154 -7.07 3.71 -14.40
CA TYR A 154 -7.95 4.32 -15.40
C TYR A 154 -7.30 4.27 -16.78
N HIS A 155 -7.95 3.60 -17.72
CA HIS A 155 -7.46 3.59 -19.09
C HIS A 155 -7.84 4.90 -19.76
N ASP A 156 -7.03 5.35 -20.72
CA ASP A 156 -7.34 6.59 -21.42
C ASP A 156 -8.52 6.36 -22.35
N THR A 157 -9.51 7.26 -22.31
CA THR A 157 -10.76 7.08 -23.05
C THR A 157 -10.74 7.72 -24.43
N ASN A 158 -10.15 7.03 -25.39
CA ASN A 158 -10.18 7.49 -26.78
C ASN A 158 -11.34 8.46 -27.00
N PRO A 159 -11.27 9.24 -28.08
CA PRO A 159 -12.11 10.42 -28.27
C PRO A 159 -13.42 10.15 -29.02
N GLY A 160 -14.47 9.78 -28.31
CA GLY A 160 -14.39 9.47 -26.87
C GLY A 160 -15.12 8.16 -26.68
N GLU A 161 -14.41 7.06 -26.95
CA GLU A 161 -15.05 5.78 -27.20
C GLU A 161 -15.52 4.99 -25.97
N GLY A 162 -16.64 4.30 -26.16
CA GLY A 162 -17.13 3.31 -25.20
C GLY A 162 -17.48 3.83 -23.82
N ALA A 163 -17.08 3.09 -22.81
CA ALA A 163 -17.37 3.40 -21.42
C ALA A 163 -16.66 4.66 -20.94
N TYR A 164 -17.44 5.67 -20.57
CA TYR A 164 -16.85 6.82 -19.91
C TYR A 164 -16.16 6.29 -18.68
N VAL A 165 -15.08 6.96 -18.26
CA VAL A 165 -14.42 6.59 -17.03
C VAL A 165 -14.48 7.74 -16.03
N TYR A 166 -14.94 7.44 -14.82
CA TYR A 166 -14.97 8.42 -13.74
C TYR A 166 -13.61 8.54 -13.07
N ARG A 167 -13.01 9.71 -13.16
CA ARG A 167 -11.66 9.90 -12.65
C ARG A 167 -11.56 10.96 -11.56
N SER A 168 -10.99 10.58 -10.42
CA SER A 168 -10.54 11.58 -9.45
C SER A 168 -9.37 11.02 -8.69
N ALA A 169 -8.18 11.52 -8.98
CA ALA A 169 -6.97 10.95 -8.39
C ALA A 169 -5.86 11.97 -8.22
N PHE A 170 -4.97 11.67 -7.28
CA PHE A 170 -3.79 12.50 -7.07
C PHE A 170 -2.66 11.66 -6.48
N SER A 171 -1.44 12.10 -6.72
CA SER A 171 -0.29 11.46 -6.11
C SER A 171 0.75 12.55 -6.02
N VAL A 172 1.10 12.91 -4.78
CA VAL A 172 1.99 14.02 -4.53
C VAL A 172 3.09 13.65 -3.53
N GLY A 173 4.21 14.39 -3.57
CA GLY A 173 5.33 14.12 -2.67
C GLY A 173 5.80 15.36 -1.92
N LEU A 174 6.53 15.14 -0.83
CA LEU A 174 7.06 16.23 -0.03
C LEU A 174 8.30 16.82 -0.70
N GLU A 175 8.47 18.14 -0.61
CA GLU A 175 9.64 18.81 -1.14
C GLU A 175 10.54 19.39 -0.04
N MET A 183 -1.45 21.87 11.15
CA MET A 183 -1.74 22.24 9.77
C MET A 183 -1.59 21.06 8.83
N PRO A 184 -2.43 20.99 7.79
CA PRO A 184 -2.28 19.94 6.80
C PRO A 184 -0.86 19.93 6.26
N ILE A 185 -0.31 18.75 6.02
CA ILE A 185 0.99 18.63 5.39
C ILE A 185 0.85 19.02 3.92
N ARG A 186 1.58 20.05 3.50
CA ARG A 186 1.54 20.49 2.11
C ARG A 186 2.55 19.75 1.24
N PHE A 187 2.08 18.72 0.55
CA PHE A 187 2.87 18.01 -0.46
C PHE A 187 2.83 18.80 -1.76
N THR A 188 4.00 19.17 -2.30
CA THR A 188 4.05 20.04 -3.47
C THR A 188 4.60 19.37 -4.73
N LYS A 189 5.32 18.26 -4.58
CA LYS A 189 5.85 17.58 -5.75
C LYS A 189 4.74 16.78 -6.41
N ILE A 190 4.49 17.02 -7.70
CA ILE A 190 3.30 16.45 -8.32
C ILE A 190 3.60 15.27 -9.24
N PHE A 191 3.27 14.07 -8.77
CA PHE A 191 3.32 12.87 -9.61
C PHE A 191 2.08 12.81 -10.51
N TYR A 192 0.91 13.16 -9.94
CA TYR A 192 -0.33 13.21 -10.71
C TYR A 192 -1.37 14.07 -10.03
N ASN A 193 -2.00 14.95 -10.80
CA ASN A 193 -3.09 15.76 -10.26
C ASN A 193 -3.95 16.28 -11.39
N GLN A 194 -4.24 15.41 -12.35
CA GLN A 194 -4.87 15.85 -13.60
C GLN A 194 -6.25 16.49 -13.46
N GLN A 195 -7.00 16.13 -12.43
CA GLN A 195 -8.32 16.72 -12.27
C GLN A 195 -8.20 17.97 -11.40
N ASN A 196 -7.03 18.15 -10.80
CA ASN A 196 -6.84 19.21 -9.82
C ASN A 196 -7.78 19.14 -8.62
N HIS A 197 -8.02 17.93 -8.14
CA HIS A 197 -8.88 17.75 -6.97
C HIS A 197 -8.08 17.84 -5.67
N TYR A 198 -6.76 17.78 -5.82
CA TYR A 198 -5.85 18.04 -4.72
C TYR A 198 -5.34 19.48 -4.82
N ASP A 199 -5.44 20.23 -3.72
CA ASP A 199 -4.92 21.61 -3.68
C ASP A 199 -3.53 21.67 -3.03
N GLY A 200 -2.52 21.94 -3.85
CA GLY A 200 -1.14 21.94 -3.40
C GLY A 200 -0.79 23.05 -2.42
N SER A 201 -1.59 24.11 -2.42
CA SER A 201 -1.32 25.22 -1.51
C SER A 201 -1.92 24.98 -0.11
N THR A 202 -2.75 23.95 0.04
CA THR A 202 -3.38 23.67 1.33
C THR A 202 -3.15 22.26 1.83
N GLY A 203 -2.76 21.37 0.92
CA GLY A 203 -2.54 19.97 1.26
C GLY A 203 -3.84 19.17 1.28
N LYS A 204 -4.92 19.78 0.82
CA LYS A 204 -6.23 19.13 0.87
C LYS A 204 -6.74 18.60 -0.46
N PHE A 205 -7.18 17.34 -0.45
CA PHE A 205 -7.96 16.73 -1.53
C PHE A 205 -9.45 17.06 -1.36
N HIS A 206 -10.09 17.47 -2.44
CA HIS A 206 -11.51 17.80 -2.40
C HIS A 206 -12.32 16.82 -3.24
N CYS A 207 -13.32 16.19 -2.63
CA CYS A 207 -14.20 15.27 -3.35
C CYS A 207 -15.18 15.96 -4.30
N ASN A 208 -15.04 15.69 -5.59
CA ASN A 208 -16.00 16.21 -6.57
C ASN A 208 -16.99 15.15 -7.10
N ILE A 209 -16.69 13.88 -6.86
CA ILE A 209 -17.46 12.74 -7.39
C ILE A 209 -17.75 11.77 -6.24
N PRO A 210 -19.02 11.60 -5.84
CA PRO A 210 -19.29 10.77 -4.65
C PRO A 210 -18.87 9.31 -4.88
N GLY A 211 -18.33 8.63 -3.86
CA GLY A 211 -17.86 7.26 -4.08
C GLY A 211 -16.82 6.71 -3.11
N LEU A 212 -16.36 5.49 -3.40
CA LEU A 212 -15.35 4.83 -2.57
C LEU A 212 -13.96 5.23 -3.01
N TYR A 213 -13.22 5.86 -2.09
CA TYR A 213 -11.86 6.29 -2.35
C TYR A 213 -10.83 5.43 -1.57
N TYR A 214 -9.67 5.21 -2.20
CA TYR A 214 -8.53 4.59 -1.54
C TYR A 214 -7.49 5.67 -1.29
N PHE A 215 -6.90 5.65 -0.10
CA PHE A 215 -5.82 6.56 0.24
C PHE A 215 -4.61 5.79 0.75
N ALA A 216 -3.41 6.27 0.43
CA ALA A 216 -2.21 5.63 0.92
C ALA A 216 -1.12 6.67 1.10
N TYR A 217 -0.28 6.45 2.11
CA TYR A 217 0.86 7.31 2.31
C TYR A 217 2.09 6.50 2.72
N HIS A 218 3.25 7.08 2.46
CA HIS A 218 4.53 6.45 2.75
C HIS A 218 5.49 7.56 3.14
N ILE A 219 5.98 7.51 4.37
CA ILE A 219 6.79 8.59 4.91
C ILE A 219 8.16 8.08 5.30
N THR A 220 9.22 8.79 4.92
CA THR A 220 10.51 8.42 5.47
C THR A 220 10.77 9.19 6.76
N VAL A 221 11.14 8.43 7.79
CA VAL A 221 11.22 8.92 9.15
C VAL A 221 12.66 9.19 9.50
N TYR A 222 12.96 10.43 9.86
CA TYR A 222 14.34 10.81 10.15
C TYR A 222 14.41 11.93 11.18
N MET A 223 15.40 11.85 12.06
CA MET A 223 15.69 12.95 12.98
C MET A 223 14.75 12.96 14.19
N LYS A 224 13.45 12.83 13.94
CA LYS A 224 12.45 12.86 15.00
C LYS A 224 11.42 11.77 14.75
N ASP A 225 10.60 11.47 15.75
CA ASP A 225 9.51 10.52 15.56
C ASP A 225 8.57 11.07 14.51
N VAL A 226 7.80 10.18 13.90
CA VAL A 226 6.73 10.56 13.00
C VAL A 226 5.41 10.01 13.52
N LYS A 227 4.46 10.91 13.76
CA LYS A 227 3.10 10.51 14.02
C LYS A 227 2.16 11.37 13.15
N VAL A 228 1.41 10.71 12.29
CA VAL A 228 0.52 11.43 11.38
C VAL A 228 -0.91 10.91 11.51
N SER A 229 -1.84 11.66 10.95
CA SER A 229 -3.25 11.31 11.03
C SER A 229 -4.00 11.69 9.75
N LEU A 230 -4.78 10.75 9.22
CA LEU A 230 -5.55 11.00 8.02
C LEU A 230 -6.89 11.59 8.43
N PHE A 231 -7.15 12.81 7.97
CA PHE A 231 -8.38 13.52 8.35
C PHE A 231 -9.47 13.43 7.28
N LYS A 232 -10.72 13.35 7.74
CA LYS A 232 -11.86 13.34 6.84
C LYS A 232 -12.88 14.41 7.26
N LYS A 233 -12.87 15.52 6.53
CA LYS A 233 -13.75 16.65 6.84
C LYS A 233 -13.24 17.48 8.00
N ASP A 234 -13.24 16.90 9.19
CA ASP A 234 -12.85 17.63 10.39
C ASP A 234 -12.39 16.71 11.50
N LYS A 235 -12.09 15.45 11.18
CA LYS A 235 -11.74 14.49 12.22
C LYS A 235 -10.69 13.47 11.81
N ALA A 236 -9.86 13.07 12.79
CA ALA A 236 -8.83 12.07 12.57
C ALA A 236 -9.48 10.70 12.41
N MET A 237 -9.27 10.09 11.25
CA MET A 237 -9.81 8.77 10.98
C MET A 237 -8.78 7.67 11.24
N LEU A 238 -7.52 7.99 10.97
CA LEU A 238 -6.47 6.98 10.95
C LEU A 238 -5.17 7.54 11.52
N PHE A 239 -4.43 6.74 12.29
CA PHE A 239 -3.18 7.22 12.88
C PHE A 239 -2.00 6.30 12.58
N THR A 240 -0.83 6.88 12.38
CA THR A 240 0.39 6.10 12.09
C THR A 240 1.58 6.69 12.83
N TYR A 241 2.15 5.93 13.76
CA TYR A 241 3.28 6.36 14.56
C TYR A 241 4.51 5.50 14.26
N ASP A 242 5.65 6.15 14.12
CA ASP A 242 6.90 5.46 13.84
C ASP A 242 8.04 6.14 14.58
N GLN A 243 8.67 5.40 15.48
CA GLN A 243 9.69 5.94 16.36
C GLN A 243 11.04 5.98 15.67
N TYR A 244 11.81 7.03 15.95
CA TYR A 244 13.12 7.18 15.36
C TYR A 244 14.24 7.00 16.37
N GLN A 245 15.10 6.03 16.12
CA GLN A 245 16.32 5.90 16.89
C GLN A 245 17.48 6.40 16.03
N GLU A 246 18.55 6.83 16.71
CA GLU A 246 19.70 7.44 16.07
C GLU A 246 20.31 6.48 15.06
N ASN A 247 20.64 7.00 13.87
CA ASN A 247 21.25 6.20 12.82
C ASN A 247 20.31 5.11 12.30
N ASN A 248 19.01 5.34 12.39
CA ASN A 248 18.06 4.34 11.91
C ASN A 248 16.86 4.94 11.20
N VAL A 249 17.10 5.49 10.00
CA VAL A 249 16.02 6.00 9.18
C VAL A 249 15.02 4.85 8.99
N ASP A 250 13.75 5.19 9.11
CA ASP A 250 12.68 4.19 9.00
C ASP A 250 11.69 4.60 7.91
N GLN A 251 10.77 3.69 7.62
CA GLN A 251 9.71 3.93 6.65
C GLN A 251 8.36 3.56 7.23
N ALA A 252 7.40 4.47 7.11
CA ALA A 252 6.11 4.27 7.73
C ALA A 252 5.01 4.52 6.71
N SER A 253 3.98 3.69 6.73
CA SER A 253 2.97 3.81 5.69
C SER A 253 1.58 3.50 6.25
N GLY A 254 0.56 3.94 5.54
CA GLY A 254 -0.81 3.67 5.91
C GLY A 254 -1.64 3.67 4.64
N SER A 255 -2.80 3.05 4.70
CA SER A 255 -3.75 3.07 3.60
C SER A 255 -5.12 2.65 4.12
N VAL A 256 -6.17 3.26 3.57
CA VAL A 256 -7.51 2.99 4.04
C VAL A 256 -8.50 3.24 2.92
N LEU A 257 -9.71 2.68 3.05
CA LEU A 257 -10.79 2.97 2.14
C LEU A 257 -11.82 3.84 2.84
N LEU A 258 -12.17 4.95 2.19
CA LEU A 258 -13.17 5.87 2.74
C LEU A 258 -14.20 6.24 1.69
N HIS A 259 -15.47 6.16 2.06
CA HIS A 259 -16.52 6.66 1.20
C HIS A 259 -16.67 8.16 1.41
N LEU A 260 -16.72 8.90 0.31
CA LEU A 260 -16.79 10.35 0.38
C LEU A 260 -18.03 10.91 -0.31
N GLU A 261 -18.57 11.99 0.23
CA GLU A 261 -19.67 12.68 -0.40
C GLU A 261 -19.08 13.94 -1.01
N VAL A 262 -19.81 14.59 -1.90
CA VAL A 262 -19.23 15.73 -2.58
C VAL A 262 -18.95 16.87 -1.61
N GLY A 263 -17.74 17.41 -1.68
CA GLY A 263 -17.40 18.59 -0.89
C GLY A 263 -16.63 18.31 0.39
N ASP A 264 -16.58 17.06 0.81
CA ASP A 264 -15.75 16.75 1.96
C ASP A 264 -14.34 16.44 1.52
N GLN A 265 -13.38 16.79 2.36
CA GLN A 265 -11.99 16.64 2.01
C GLN A 265 -11.20 15.79 2.99
N VAL A 266 -9.99 15.49 2.55
CA VAL A 266 -9.13 14.55 3.21
C VAL A 266 -7.74 15.15 3.16
N TRP A 267 -6.94 14.87 4.18
CA TRP A 267 -5.57 15.34 4.20
C TRP A 267 -4.77 14.59 5.26
N LEU A 268 -3.46 14.75 5.21
CA LEU A 268 -2.58 14.17 6.21
C LEU A 268 -2.03 15.29 7.09
N GLN A 269 -2.14 15.09 8.40
CA GLN A 269 -1.79 16.10 9.38
C GLN A 269 -0.89 15.46 10.43
N VAL A 270 0.16 16.17 10.82
CA VAL A 270 1.00 15.71 11.92
C VAL A 270 0.13 15.65 13.17
N TYR A 271 0.19 14.52 13.88
CA TYR A 271 -0.69 14.29 15.02
C TYR A 271 0.11 13.97 16.27
N GLY A 272 -0.26 14.59 17.38
CA GLY A 272 0.40 14.35 18.66
C GLY A 272 0.54 15.64 19.43
N GLU A 273 1.37 15.64 20.47
CA GLU A 273 1.62 16.85 21.23
C GLU A 273 3.12 17.01 21.53
N GLY A 274 3.93 16.15 20.91
CA GLY A 274 5.37 16.22 21.05
C GLY A 274 6.02 16.52 19.72
N GLU A 275 5.30 17.26 18.88
CA GLU A 275 5.83 17.63 17.56
C GLU A 275 6.49 16.43 16.87
N ARG A 276 5.73 15.37 16.67
CA ARG A 276 6.23 14.16 16.02
C ARG A 276 6.35 14.36 14.51
N ASN A 277 7.18 15.31 14.08
CA ASN A 277 7.17 15.71 12.67
C ASN A 277 8.42 15.39 11.87
N GLY A 278 9.01 14.23 12.14
CA GLY A 278 10.23 13.82 11.45
C GLY A 278 10.04 13.33 10.04
N LEU A 279 9.09 13.91 9.31
CA LEU A 279 8.94 13.59 7.91
C LEU A 279 10.15 14.08 7.16
N TYR A 280 10.61 13.29 6.19
CA TYR A 280 11.80 13.67 5.45
C TYR A 280 11.62 13.53 3.95
N ALA A 281 12.38 14.33 3.22
CA ALA A 281 12.44 14.22 1.78
C ALA A 281 13.60 15.07 1.32
N ASP A 282 14.20 14.68 0.20
CA ASP A 282 15.23 15.50 -0.45
C ASP A 282 15.35 15.02 -1.89
N ASN A 283 16.45 15.37 -2.55
CA ASN A 283 16.57 15.06 -3.97
C ASN A 283 16.30 13.59 -4.30
N ASP A 284 16.60 12.70 -3.36
CA ASP A 284 16.44 11.26 -3.59
C ASP A 284 15.91 10.55 -2.34
N ASN A 285 14.89 11.15 -1.74
CA ASN A 285 14.15 10.53 -0.65
C ASN A 285 12.75 11.10 -0.73
N ASP A 286 11.71 10.26 -0.74
CA ASP A 286 10.33 10.76 -0.80
C ASP A 286 9.49 10.44 0.44
N SER A 287 8.49 11.28 0.66
CA SER A 287 7.36 10.98 1.52
C SER A 287 6.13 11.38 0.71
N THR A 288 5.24 10.42 0.49
CA THR A 288 4.17 10.60 -0.50
C THR A 288 2.78 10.40 0.08
N PHE A 289 1.79 10.86 -0.69
CA PHE A 289 0.38 10.82 -0.31
C PHE A 289 -0.37 10.64 -1.62
N THR A 290 -1.16 9.56 -1.68
CA THR A 290 -1.86 9.17 -2.89
C THR A 290 -3.31 8.82 -2.57
N GLY A 291 -4.20 9.07 -3.52
CA GLY A 291 -5.61 8.74 -3.34
C GLY A 291 -6.26 8.63 -4.70
N PHE A 292 -7.36 7.88 -4.77
CA PHE A 292 -8.08 7.75 -6.02
C PHE A 292 -9.45 7.18 -5.80
N LEU A 293 -10.39 7.69 -6.59
CA LEU A 293 -11.73 7.14 -6.68
C LEU A 293 -11.63 5.72 -7.23
N LEU A 294 -12.13 4.78 -6.44
CA LEU A 294 -12.16 3.37 -6.78
C LEU A 294 -13.50 2.99 -7.45
N TYR A 295 -14.61 3.23 -6.74
CA TYR A 295 -15.94 2.96 -7.28
C TYR A 295 -16.81 4.20 -7.09
N HIS A 296 -17.33 4.74 -8.19
CA HIS A 296 -18.21 5.91 -8.08
C HIS A 296 -19.62 5.48 -7.64
N ASP A 297 -20.37 6.37 -6.98
CA ASP A 297 -21.73 6.06 -6.52
C ASP A 297 -22.74 6.09 -7.67
N THR A 298 -23.59 5.07 -7.73
CA THR A 298 -24.63 4.97 -8.75
C THR A 298 -25.96 4.66 -8.06
N ASN A 299 -27.04 4.68 -8.83
CA ASN A 299 -28.38 4.49 -8.28
C ASN A 299 -28.91 3.05 -8.33
N PRO A 300 -29.19 2.54 -9.53
CA PRO A 300 -29.78 1.21 -9.66
C PRO A 300 -28.73 0.10 -9.63
N TYR A 305 -23.67 -0.50 -14.50
CA TYR A 305 -23.57 -1.19 -13.22
C TYR A 305 -22.11 -1.30 -12.77
N VAL A 306 -21.88 -1.00 -11.50
CA VAL A 306 -20.55 -1.05 -10.92
C VAL A 306 -20.44 -2.28 -10.04
N TYR A 307 -19.34 -3.01 -10.19
CA TYR A 307 -19.06 -4.19 -9.38
C TYR A 307 -18.24 -3.80 -8.17
N ARG A 308 -18.84 -3.94 -7.00
CA ARG A 308 -18.23 -3.46 -5.78
C ARG A 308 -18.05 -4.60 -4.79
N SER A 309 -16.82 -4.77 -4.31
CA SER A 309 -16.58 -5.66 -3.19
C SER A 309 -15.35 -5.16 -2.48
N ALA A 310 -15.53 -4.54 -1.32
CA ALA A 310 -14.39 -3.91 -0.65
C ALA A 310 -14.55 -3.87 0.86
N PHE A 311 -13.44 -3.74 1.57
CA PHE A 311 -13.46 -3.67 3.03
C PHE A 311 -12.18 -2.99 3.50
N SER A 312 -12.31 -2.23 4.59
CA SER A 312 -11.14 -1.65 5.22
C SER A 312 -11.41 -1.62 6.71
N VAL A 313 -10.57 -2.31 7.47
CA VAL A 313 -10.82 -2.55 8.90
C VAL A 313 -9.54 -2.37 9.73
N GLY A 314 -9.72 -2.15 11.03
CA GLY A 314 -8.57 -1.95 11.92
C GLY A 314 -8.71 -2.69 13.25
N LEU A 315 -7.57 -2.98 13.87
CA LEU A 315 -7.58 -3.56 15.20
C LEU A 315 -8.07 -2.54 16.22
N GLU A 316 -8.60 -3.04 17.33
CA GLU A 316 -8.98 -2.19 18.44
C GLU A 316 -8.21 -2.60 19.69
N THR A 317 -7.15 -3.41 19.48
CA THR A 317 -6.25 -3.87 20.54
C THR A 317 -5.39 -5.01 20.00
N TYR A 318 -5.16 -6.03 20.83
CA TYR A 318 -4.35 -7.18 20.42
C TYR A 318 -4.86 -8.50 21.02
N ILE A 321 -4.39 -14.36 19.15
CA ILE A 321 -4.81 -15.74 19.27
C ILE A 321 -4.15 -16.59 18.17
N PRO A 322 -3.28 -17.53 18.58
CA PRO A 322 -2.48 -18.39 17.70
C PRO A 322 -3.24 -19.34 16.78
N ASN A 323 -2.88 -19.31 15.50
CA ASN A 323 -3.49 -20.20 14.50
C ASN A 323 -4.92 -19.81 14.14
N MET A 324 -5.29 -18.59 14.44
CA MET A 324 -6.61 -18.11 14.13
C MET A 324 -6.51 -16.77 13.42
N PRO A 325 -7.47 -16.49 12.52
CA PRO A 325 -7.50 -15.19 11.86
C PRO A 325 -7.43 -14.03 12.85
N ILE A 326 -6.63 -13.02 12.54
CA ILE A 326 -6.67 -11.77 13.29
C ILE A 326 -7.98 -11.08 12.99
N ARG A 327 -8.75 -10.76 14.04
CA ARG A 327 -10.05 -10.14 13.84
C ARG A 327 -10.04 -8.61 14.00
N PHE A 328 -9.99 -7.92 12.86
CA PHE A 328 -10.14 -6.48 12.82
C PHE A 328 -11.61 -6.12 12.98
N THR A 329 -11.92 -5.25 13.93
CA THR A 329 -13.30 -4.96 14.28
C THR A 329 -13.72 -3.50 14.09
N LYS A 330 -12.77 -2.59 14.10
CA LYS A 330 -13.06 -1.20 13.78
C LYS A 330 -13.33 -1.13 12.27
N ILE A 331 -14.50 -0.65 11.88
CA ILE A 331 -14.88 -0.67 10.47
C ILE A 331 -14.80 0.70 9.78
N PHE A 332 -13.85 0.83 8.84
CA PHE A 332 -13.77 2.02 8.01
C PHE A 332 -14.73 1.89 6.82
N TYR A 333 -14.76 0.72 6.20
CA TYR A 333 -15.71 0.42 5.13
C TYR A 333 -15.98 -1.09 5.06
N ASN A 334 -17.25 -1.45 4.92
CA ASN A 334 -17.62 -2.84 4.78
C ASN A 334 -19.02 -2.94 4.19
N GLN A 335 -19.21 -2.24 3.08
CA GLN A 335 -20.52 -1.94 2.52
C GLN A 335 -21.27 -3.18 2.05
N GLN A 336 -20.55 -4.12 1.46
CA GLN A 336 -21.19 -5.33 0.92
C GLN A 336 -21.22 -6.43 1.96
N ASN A 337 -20.59 -6.18 3.11
CA ASN A 337 -20.49 -7.18 4.17
C ASN A 337 -19.69 -8.41 3.75
N HIS A 338 -18.77 -8.23 2.81
CA HIS A 338 -18.00 -9.38 2.35
C HIS A 338 -16.88 -9.76 3.32
N TYR A 339 -16.50 -8.82 4.17
CA TYR A 339 -15.59 -9.11 5.27
C TYR A 339 -16.39 -9.46 6.54
N ASP A 340 -16.03 -10.55 7.20
CA ASP A 340 -16.75 -10.97 8.40
C ASP A 340 -16.00 -10.66 9.67
N GLY A 341 -16.37 -9.56 10.33
CA GLY A 341 -15.74 -9.16 11.57
C GLY A 341 -15.67 -10.26 12.62
N SER A 342 -16.71 -11.09 12.68
CA SER A 342 -16.78 -12.10 13.72
C SER A 342 -15.78 -13.24 13.51
N THR A 343 -15.21 -13.33 12.31
CA THR A 343 -14.23 -14.38 12.02
C THR A 343 -12.93 -13.81 11.48
N GLY A 344 -12.97 -12.55 11.04
CA GLY A 344 -11.80 -11.87 10.50
C GLY A 344 -11.47 -12.31 9.09
N LYS A 345 -12.43 -12.94 8.42
CA LYS A 345 -12.19 -13.46 7.07
C LYS A 345 -12.89 -12.67 5.97
N PHE A 346 -12.19 -12.46 4.86
CA PHE A 346 -12.81 -11.94 3.65
C PHE A 346 -13.26 -13.11 2.80
N HIS A 347 -14.51 -13.05 2.33
CA HIS A 347 -15.05 -14.07 1.44
C HIS A 347 -15.32 -13.46 0.06
N CYS A 348 -14.75 -14.08 -0.97
CA CYS A 348 -15.02 -13.63 -2.34
C CYS A 348 -16.46 -13.93 -2.75
N ASN A 349 -17.19 -12.89 -3.13
CA ASN A 349 -18.54 -13.07 -3.65
C ASN A 349 -18.66 -12.66 -5.13
N ILE A 350 -17.56 -12.15 -5.67
CA ILE A 350 -17.47 -11.75 -7.08
C ILE A 350 -16.10 -12.16 -7.63
N PRO A 351 -16.06 -13.23 -8.46
CA PRO A 351 -14.80 -13.72 -9.00
C PRO A 351 -14.09 -12.63 -9.81
N GLY A 352 -12.78 -12.50 -9.57
CA GLY A 352 -11.98 -11.51 -10.28
C GLY A 352 -10.67 -11.21 -9.54
N LEU A 353 -10.09 -10.06 -9.85
CA LEU A 353 -8.77 -9.70 -9.33
C LEU A 353 -8.92 -8.79 -8.13
N TYR A 354 -8.28 -9.17 -7.03
CA TYR A 354 -8.37 -8.39 -5.80
C TYR A 354 -7.01 -7.83 -5.37
N TYR A 355 -7.02 -6.63 -4.81
CA TYR A 355 -5.83 -6.05 -4.18
C TYR A 355 -6.01 -6.08 -2.66
N PHE A 356 -4.99 -6.56 -1.94
CA PHE A 356 -5.03 -6.54 -0.48
C PHE A 356 -3.84 -5.76 0.08
N ALA A 357 -4.07 -4.98 1.14
CA ALA A 357 -2.98 -4.26 1.80
C ALA A 357 -3.17 -4.26 3.29
N TYR A 358 -2.06 -4.27 4.04
CA TYR A 358 -2.17 -4.14 5.50
C TYR A 358 -1.04 -3.30 6.02
N HIS A 359 -1.24 -2.69 7.18
CA HIS A 359 -0.25 -1.81 7.78
C HIS A 359 -0.30 -2.10 9.27
N ILE A 360 0.85 -2.42 9.85
CA ILE A 360 0.85 -2.87 11.23
C ILE A 360 1.80 -2.09 12.12
N THR A 361 1.29 -1.62 13.26
CA THR A 361 2.13 -0.97 14.27
C THR A 361 2.85 -2.04 15.10
N VAL A 362 4.17 -1.95 15.14
CA VAL A 362 5.01 -2.97 15.75
C VAL A 362 5.51 -2.46 17.09
N TYR A 363 5.00 -3.04 18.18
CA TYR A 363 5.30 -2.53 19.51
C TYR A 363 5.47 -3.65 20.55
N MET A 364 6.56 -3.55 21.33
CA MET A 364 6.83 -4.44 22.45
C MET A 364 7.42 -5.80 22.07
N LYS A 365 7.08 -6.28 20.87
CA LYS A 365 7.46 -7.62 20.45
C LYS A 365 7.54 -7.72 18.94
N ASP A 366 8.44 -8.57 18.45
CA ASP A 366 8.52 -8.83 17.02
C ASP A 366 7.13 -9.15 16.47
N VAL A 367 6.92 -8.80 15.21
CA VAL A 367 5.67 -9.07 14.51
C VAL A 367 5.97 -9.83 13.24
N LYS A 368 5.28 -10.96 13.05
CA LYS A 368 5.35 -11.67 11.77
C LYS A 368 3.97 -12.19 11.42
N VAL A 369 3.46 -11.80 10.26
CA VAL A 369 2.13 -12.22 9.83
C VAL A 369 2.19 -12.89 8.47
N SER A 370 1.21 -13.73 8.19
CA SER A 370 1.07 -14.40 6.91
C SER A 370 -0.30 -14.08 6.33
N LEU A 371 -0.34 -13.79 5.03
CA LEU A 371 -1.59 -13.58 4.35
C LEU A 371 -2.05 -14.94 3.85
N PHE A 372 -3.24 -15.35 4.27
CA PHE A 372 -3.76 -16.64 3.84
C PHE A 372 -4.74 -16.49 2.69
N LYS A 373 -4.74 -17.49 1.82
CA LYS A 373 -5.80 -17.60 0.84
C LYS A 373 -6.22 -19.05 0.77
N LYS A 374 -7.46 -19.30 1.13
CA LYS A 374 -8.03 -20.63 1.05
C LYS A 374 -7.12 -21.65 1.77
N ASP A 375 -6.78 -21.33 3.01
CA ASP A 375 -5.99 -22.23 3.87
C ASP A 375 -4.55 -22.44 3.41
N LYS A 376 -4.05 -21.51 2.61
CA LYS A 376 -2.63 -21.52 2.24
C LYS A 376 -2.07 -20.12 2.46
N ALA A 377 -1.00 -20.02 3.24
CA ALA A 377 -0.35 -18.72 3.46
C ALA A 377 0.38 -18.30 2.19
N MET A 378 0.06 -17.12 1.69
CA MET A 378 0.51 -16.69 0.38
C MET A 378 1.75 -15.79 0.50
N LEU A 379 1.82 -15.04 1.59
CA LEU A 379 2.74 -13.93 1.70
C LEU A 379 3.12 -13.75 3.15
N PHE A 380 4.38 -13.41 3.41
CA PHE A 380 4.89 -13.29 4.77
C PHE A 380 5.51 -11.93 5.05
N THR A 381 5.23 -11.37 6.22
CA THR A 381 5.79 -10.06 6.56
C THR A 381 6.36 -10.00 7.98
N TYR A 382 7.67 -9.82 8.06
CA TYR A 382 8.38 -9.88 9.33
C TYR A 382 8.96 -8.52 9.69
N ASP A 383 8.82 -8.13 10.94
CA ASP A 383 9.37 -6.85 11.40
C ASP A 383 9.82 -6.94 12.87
N GLN A 384 11.13 -6.93 13.07
CA GLN A 384 11.67 -7.04 14.43
C GLN A 384 11.39 -5.79 15.27
N TYR A 385 11.30 -5.98 16.58
CA TYR A 385 11.08 -4.84 17.47
C TYR A 385 12.30 -4.64 18.36
N GLN A 386 12.77 -3.40 18.41
CA GLN A 386 13.82 -3.03 19.35
C GLN A 386 13.26 -2.06 20.39
N GLU A 387 13.66 -2.25 21.64
CA GLU A 387 13.17 -1.42 22.75
C GLU A 387 13.20 0.05 22.35
N ASN A 388 12.18 0.80 22.75
CA ASN A 388 12.07 2.22 22.41
C ASN A 388 12.09 2.50 20.91
N ASN A 389 11.59 1.56 20.10
CA ASN A 389 11.56 1.77 18.66
C ASN A 389 10.33 1.15 18.01
N VAL A 390 9.17 1.75 18.25
CA VAL A 390 7.96 1.36 17.52
C VAL A 390 8.29 1.37 16.03
N ASP A 391 7.77 0.38 15.30
CA ASP A 391 7.96 0.26 13.86
C ASP A 391 6.64 0.13 13.11
N GLN A 392 6.72 0.31 11.79
CA GLN A 392 5.58 0.18 10.91
C GLN A 392 5.91 -0.83 9.81
N ALA A 393 5.08 -1.87 9.71
CA ALA A 393 5.29 -2.92 8.74
C ALA A 393 4.05 -3.03 7.87
N SER A 394 4.24 -3.38 6.61
CA SER A 394 3.13 -3.47 5.69
C SER A 394 3.45 -4.43 4.56
N GLY A 395 2.40 -4.88 3.88
CA GLY A 395 2.54 -5.65 2.67
C GLY A 395 1.30 -5.40 1.83
N SER A 396 1.37 -5.75 0.56
CA SER A 396 0.20 -5.71 -0.31
C SER A 396 0.45 -6.61 -1.50
N VAL A 397 -0.61 -7.20 -2.04
CA VAL A 397 -0.48 -8.15 -3.13
C VAL A 397 -1.76 -8.15 -3.99
N LEU A 398 -1.64 -8.59 -5.24
CA LEU A 398 -2.82 -8.89 -6.06
C LEU A 398 -3.09 -10.40 -6.03
N LEU A 399 -4.36 -10.78 -5.87
CA LEU A 399 -4.76 -12.18 -5.90
C LEU A 399 -6.04 -12.38 -6.70
N HIS A 400 -6.01 -13.30 -7.65
CA HIS A 400 -7.23 -13.69 -8.30
C HIS A 400 -8.01 -14.65 -7.40
N LEU A 401 -9.30 -14.38 -7.24
CA LEU A 401 -10.16 -15.14 -6.33
C LEU A 401 -11.41 -15.65 -7.03
N GLU A 402 -11.86 -16.84 -6.63
CA GLU A 402 -13.12 -17.36 -7.13
C GLU A 402 -14.09 -17.64 -5.99
N VAL A 403 -15.32 -18.01 -6.32
CA VAL A 403 -16.33 -18.30 -5.33
C VAL A 403 -15.79 -19.25 -4.27
N GLY A 404 -16.06 -18.96 -3.01
CA GLY A 404 -15.58 -19.80 -1.92
C GLY A 404 -14.23 -19.39 -1.34
N ASP A 405 -13.42 -18.65 -2.11
CA ASP A 405 -12.12 -18.22 -1.63
C ASP A 405 -12.23 -17.28 -0.42
N GLN A 406 -11.49 -17.60 0.62
CA GLN A 406 -11.38 -16.76 1.82
C GLN A 406 -9.97 -16.20 1.92
N VAL A 407 -9.86 -14.94 2.32
CA VAL A 407 -8.56 -14.32 2.51
C VAL A 407 -8.56 -13.77 3.93
N TRP A 408 -7.43 -13.91 4.61
CA TRP A 408 -7.31 -13.39 5.97
C TRP A 408 -5.86 -13.18 6.37
N LEU A 409 -5.64 -12.50 7.50
CA LEU A 409 -4.29 -12.31 8.03
C LEU A 409 -4.15 -13.12 9.32
N GLN A 410 -2.99 -13.73 9.51
CA GLN A 410 -2.73 -14.60 10.63
C GLN A 410 -1.30 -14.36 11.12
N VAL A 411 -1.08 -14.43 12.43
CA VAL A 411 0.28 -14.34 12.96
C VAL A 411 0.99 -15.59 12.50
N TYR A 412 2.27 -15.48 12.20
CA TYR A 412 3.01 -16.58 11.57
C TYR A 412 3.35 -17.74 12.53
N GLY A 413 3.61 -18.91 11.98
CA GLY A 413 4.07 -20.06 12.77
C GLY A 413 3.21 -20.33 13.98
N GLU A 414 3.84 -20.39 15.15
CA GLU A 414 3.15 -20.72 16.40
C GLU A 414 2.43 -19.52 17.01
N GLY A 415 2.56 -18.36 16.38
CA GLY A 415 1.85 -17.17 16.81
C GLY A 415 2.58 -16.33 17.85
N GLU A 416 3.86 -16.62 18.07
CA GLU A 416 4.65 -15.94 19.09
CA GLU A 416 4.64 -15.94 19.10
C GLU A 416 4.97 -14.49 18.74
N ARG A 417 5.32 -14.25 17.48
CA ARG A 417 5.67 -12.91 17.02
C ARG A 417 4.42 -12.06 16.81
N ASN A 418 3.79 -11.68 17.91
CA ASN A 418 2.50 -11.02 17.86
C ASN A 418 2.50 -9.59 18.39
N GLY A 419 3.55 -8.85 18.09
CA GLY A 419 3.69 -7.48 18.60
C GLY A 419 2.78 -6.49 17.90
N LEU A 420 1.66 -6.97 17.36
CA LEU A 420 0.69 -6.08 16.74
C LEU A 420 0.09 -5.14 17.78
N TYR A 421 -0.12 -3.88 17.39
CA TYR A 421 -0.61 -2.88 18.35
C TYR A 421 -1.66 -1.90 17.82
N ALA A 422 -2.67 -1.62 18.64
CA ALA A 422 -3.71 -0.67 18.29
C ALA A 422 -4.36 -0.05 19.53
N ASP A 423 -4.79 1.20 19.41
CA ASP A 423 -5.50 1.88 20.49
C ASP A 423 -6.14 3.17 19.98
N ASN A 424 -6.64 4.00 20.89
CA ASN A 424 -7.44 5.16 20.47
C ASN A 424 -6.77 6.02 19.40
N ASP A 425 -5.45 5.95 19.28
CA ASP A 425 -4.75 6.77 18.29
C ASP A 425 -3.49 6.10 17.72
N ASN A 426 -3.60 4.81 17.43
CA ASN A 426 -2.57 4.01 16.77
C ASN A 426 -3.33 2.95 16.01
N ASP A 427 -2.99 2.74 14.74
CA ASP A 427 -3.77 1.79 13.92
C ASP A 427 -2.94 0.65 13.38
N SER A 428 -3.59 -0.50 13.19
CA SER A 428 -3.06 -1.59 12.40
C SER A 428 -4.21 -2.03 11.50
N THR A 429 -4.01 -2.02 10.19
CA THR A 429 -5.16 -2.10 9.30
C THR A 429 -5.04 -3.18 8.25
N PHE A 430 -6.20 -3.58 7.74
CA PHE A 430 -6.30 -4.62 6.70
C PHE A 430 -7.36 -4.15 5.73
N THR A 431 -6.99 -4.06 4.45
CA THR A 431 -7.85 -3.55 3.41
C THR A 431 -7.81 -4.43 2.17
N GLY A 432 -8.93 -4.51 1.47
CA GLY A 432 -8.99 -5.27 0.22
C GLY A 432 -10.08 -4.73 -0.67
N PHE A 433 -9.88 -4.82 -1.99
CA PHE A 433 -10.95 -4.43 -2.91
C PHE A 433 -10.91 -5.18 -4.24
N LEU A 434 -12.09 -5.33 -4.83
CA LEU A 434 -12.21 -5.91 -6.15
C LEU A 434 -11.75 -4.87 -7.18
N LEU A 435 -10.78 -5.26 -8.00
CA LEU A 435 -10.20 -4.40 -9.03
C LEU A 435 -10.89 -4.65 -10.37
N TYR A 436 -10.74 -5.87 -10.88
CA TYR A 436 -11.38 -6.28 -12.14
C TYR A 436 -12.20 -7.55 -11.95
N HIS A 437 -13.51 -7.46 -12.20
CA HIS A 437 -14.37 -8.64 -12.17
C HIS A 437 -14.16 -9.47 -13.45
N ASP A 438 -14.29 -10.79 -13.36
CA ASP A 438 -14.18 -11.66 -14.54
C ASP A 438 -15.40 -11.46 -15.42
N THR A 439 -15.19 -11.53 -16.74
CA THR A 439 -16.19 -11.06 -17.70
C THR A 439 -16.91 -12.19 -18.45
#